data_6SL7
#
_entry.id   6SL7
#
_cell.length_a   40.739
_cell.length_b   75.526
_cell.length_c   234.252
_cell.angle_alpha   90.000
_cell.angle_beta   90.000
_cell.angle_gamma   90.000
#
_symmetry.space_group_name_H-M   'P 2 2 21'
#
_entity_poly.entity_id   1
_entity_poly.type   'polypeptide(L)'
_entity_poly.pdbx_seq_one_letter_code
;GAMADSELVAQWEKVQIKTFTKWVNMHLAKKGRKINDVTTDFKNGVELCALLEIIGETTIKCVTNPKMRIQMTENLDKAL
RFIQSRDVKLTGIGPTDIVDGNV(MLZ)LTLGLVWTLILRFAISELSAEGLSAKQGLLLWCQKKCEPYPVKVENFSESFK
DGKVFCALIHRHRPDLLDWETVGEDDRANLEKAFDVAEKELGIPKLLDVDDIVNMPRPDERSVMTYVAALYKVFSSNDQV
EKAGKRAGNFLDLLRATEGMVHDYEQRAQALKENIEAAINKMNGVEPSDEYHQVKEQINETKNYRKGDKRAFIKEQGDLA
TLFGQINSKLRGMKRPVYVAPEGLDPKSLEGYIANISEAERALRSKLNTAMRNCLIALRKAFADPANATDAKINEYRTFV
TDETSEAPLEEQVATLKAKLEELKQVEAQLPPIEEAEKACGDANIEDNEYTDVSFDDLQFNYEQTVSMFEKKIVYIEAQI
NEASSGVTAEQMQEFKQSFDAFNGGHNGILDKLEFRSCLSSMGLIDIDFTGGEDAQYDAIYNNVTKGENGVSFDNYVQYM
KEKNDENPSPEQLNEIFSTIAAGKDSITETDMQKAGMSAEQIEYVKANLPQKGDGYDYAAWVKTN
;
_entity_poly.pdbx_strand_id   A
#
# COMPACT_ATOMS: atom_id res chain seq x y z
N ALA A 2 78.36 41.03 44.74
CA ALA A 2 79.48 40.97 43.74
C ALA A 2 79.75 39.53 43.34
N MET A 3 79.59 38.64 44.30
CA MET A 3 79.84 37.22 44.07
C MET A 3 78.85 36.65 43.06
N ALA A 4 77.68 37.32 42.90
CA ALA A 4 76.50 36.90 42.15
C ALA A 4 76.78 36.19 40.82
N ASP A 5 77.67 36.80 40.03
CA ASP A 5 78.05 36.38 38.69
C ASP A 5 78.11 34.85 38.51
N SER A 6 78.98 34.16 39.26
CA SER A 6 79.28 32.77 38.95
C SER A 6 78.12 31.86 39.35
N GLU A 7 77.53 32.19 40.50
CA GLU A 7 76.43 31.47 41.12
C GLU A 7 75.28 31.39 40.15
N LEU A 8 75.11 32.51 39.44
CA LEU A 8 73.95 32.78 38.62
C LEU A 8 73.96 31.84 37.42
N VAL A 9 75.15 31.61 36.86
CA VAL A 9 75.37 30.81 35.67
C VAL A 9 74.87 29.36 35.85
N ALA A 10 75.09 28.79 37.03
CA ALA A 10 74.63 27.43 37.31
C ALA A 10 73.11 27.31 37.27
N GLN A 11 72.43 28.10 38.11
CA GLN A 11 70.98 28.12 38.13
C GLN A 11 70.41 28.41 36.73
N TRP A 12 71.09 29.24 35.94
CA TRP A 12 70.67 29.48 34.57
C TRP A 12 70.67 28.17 33.79
N GLU A 13 71.72 27.35 33.98
CA GLU A 13 71.82 26.07 33.28
C GLU A 13 70.62 25.16 33.63
N LYS A 14 70.26 25.13 34.92
CA LYS A 14 69.12 24.35 35.38
C LYS A 14 67.83 24.83 34.69
N VAL A 15 67.70 26.15 34.53
CA VAL A 15 66.53 26.75 33.89
C VAL A 15 66.59 26.48 32.39
N GLN A 16 67.78 26.61 31.80
CA GLN A 16 67.99 26.44 30.37
C GLN A 16 67.74 24.99 29.94
N ILE A 17 67.93 24.01 30.84
CA ILE A 17 67.70 22.62 30.50
C ILE A 17 66.20 22.31 30.48
N LYS A 18 65.45 22.95 31.38
CA LYS A 18 64.01 22.73 31.48
C LYS A 18 63.28 23.42 30.32
N THR A 19 63.70 24.64 29.97
CA THR A 19 63.07 25.39 28.90
C THR A 19 63.44 24.83 27.53
N PHE A 20 64.67 24.32 27.37
CA PHE A 20 65.05 23.66 26.13
C PHE A 20 64.28 22.36 25.95
N THR A 21 64.05 21.65 27.06
CA THR A 21 63.22 20.46 27.03
C THR A 21 61.79 20.85 26.63
N LYS A 22 61.25 21.90 27.28
CA LYS A 22 59.89 22.33 27.02
C LYS A 22 59.73 22.80 25.55
N TRP A 23 60.84 23.22 24.93
CA TRP A 23 60.77 23.68 23.54
C TRP A 23 60.76 22.50 22.56
N VAL A 24 61.48 21.43 22.90
CA VAL A 24 61.59 20.27 22.03
C VAL A 24 60.24 19.54 21.96
N ASN A 25 59.68 19.20 23.13
CA ASN A 25 58.44 18.44 23.19
C ASN A 25 57.24 19.28 22.78
N MET A 26 57.41 20.61 22.67
CA MET A 26 56.38 21.45 22.08
C MET A 26 56.21 21.12 20.60
N HIS A 27 57.33 20.81 19.92
CA HIS A 27 57.33 20.41 18.52
C HIS A 27 57.10 18.91 18.37
N LEU A 28 57.60 18.11 19.33
CA LEU A 28 57.44 16.67 19.31
C LEU A 28 55.98 16.27 19.51
N ALA A 29 55.22 17.08 20.25
CA ALA A 29 53.85 16.72 20.61
C ALA A 29 52.96 16.63 19.37
N LYS A 30 53.34 17.34 18.30
CA LYS A 30 52.68 17.25 17.00
C LYS A 30 52.77 15.82 16.45
N LYS A 31 53.74 15.04 16.96
CA LYS A 31 53.92 13.65 16.57
C LYS A 31 53.78 12.71 17.77
N GLY A 32 53.15 13.19 18.85
CA GLY A 32 52.80 12.35 19.98
C GLY A 32 53.98 12.03 20.90
N ARG A 33 55.18 12.43 20.47
CA ARG A 33 56.41 12.15 21.19
C ARG A 33 56.64 13.20 22.28
N LYS A 34 57.27 12.77 23.39
CA LYS A 34 57.62 13.66 24.49
C LYS A 34 58.89 13.14 25.15
N ILE A 35 59.68 14.06 25.70
CA ILE A 35 60.95 13.73 26.35
C ILE A 35 60.95 14.31 27.75
N ASN A 36 61.75 13.73 28.66
CA ASN A 36 61.86 14.23 30.02
C ASN A 36 62.97 15.29 30.13
N ASP A 37 64.05 15.08 29.39
CA ASP A 37 65.29 15.77 29.69
C ASP A 37 66.19 15.72 28.45
N VAL A 38 66.55 16.90 27.93
CA VAL A 38 67.33 17.01 26.71
C VAL A 38 68.72 16.41 26.91
N THR A 39 69.24 16.47 28.13
CA THR A 39 70.62 16.07 28.40
C THR A 39 70.76 14.55 28.46
N THR A 40 69.63 13.83 28.49
CA THR A 40 69.66 12.37 28.63
C THR A 40 68.84 11.68 27.54
N ASP A 41 67.80 12.36 27.03
CA ASP A 41 66.88 11.74 26.08
C ASP A 41 67.38 11.84 24.64
N PHE A 42 68.48 12.57 24.42
CA PHE A 42 69.06 12.67 23.09
C PHE A 42 70.24 11.71 22.90
N LYS A 43 70.59 10.94 23.95
CA LYS A 43 71.77 10.09 23.90
C LYS A 43 71.60 8.96 22.88
N ASN A 44 70.35 8.62 22.52
CA ASN A 44 70.08 7.52 21.59
C ASN A 44 69.86 8.03 20.16
N GLY A 45 69.75 9.36 19.98
CA GLY A 45 69.73 9.95 18.65
C GLY A 45 68.36 9.93 17.98
N VAL A 46 67.46 9.07 18.47
CA VAL A 46 66.15 8.90 17.86
C VAL A 46 65.30 10.16 18.00
N GLU A 47 65.24 10.70 19.21
CA GLU A 47 64.35 11.81 19.52
C GLU A 47 64.76 13.08 18.79
N LEU A 48 66.06 13.21 18.48
CA LEU A 48 66.62 14.31 17.71
C LEU A 48 66.20 14.21 16.23
N CYS A 49 66.23 13.00 15.65
CA CYS A 49 65.81 12.81 14.26
C CYS A 49 64.35 13.21 14.07
N ALA A 50 63.45 12.82 14.98
CA ALA A 50 62.05 13.17 14.88
C ALA A 50 61.86 14.68 15.05
N LEU A 51 62.66 15.30 15.92
CA LEU A 51 62.57 16.74 16.07
C LEU A 51 63.08 17.43 14.80
N LEU A 52 64.11 16.87 14.18
CA LEU A 52 64.66 17.48 12.97
C LEU A 52 63.69 17.29 11.81
N GLU A 53 62.92 16.20 11.83
CA GLU A 53 61.99 15.84 10.77
C GLU A 53 60.75 16.74 10.81
N ILE A 54 60.35 17.18 12.01
CA ILE A 54 59.19 18.06 12.07
C ILE A 54 59.59 19.46 11.59
N ILE A 55 60.64 20.02 12.20
CA ILE A 55 61.08 21.38 11.89
C ILE A 55 61.76 21.44 10.52
N GLY A 56 62.06 20.27 9.94
CA GLY A 56 62.85 20.19 8.70
C GLY A 56 62.07 19.73 7.48
N GLU A 57 60.91 19.09 7.70
CA GLU A 57 60.03 18.56 6.66
C GLU A 57 60.78 17.60 5.74
N THR A 58 61.54 16.68 6.35
CA THR A 58 62.30 15.68 5.62
C THR A 58 62.23 14.36 6.38
N THR A 59 62.15 13.24 5.65
CA THR A 59 62.11 11.91 6.27
C THR A 59 63.54 11.40 6.49
N ILE A 60 63.90 11.23 7.76
CA ILE A 60 65.09 10.52 8.21
C ILE A 60 64.62 9.13 8.64
N LYS A 61 65.42 8.09 8.37
CA LYS A 61 65.11 6.78 8.93
C LYS A 61 66.19 6.34 9.91
N CYS A 62 66.05 6.82 11.15
CA CYS A 62 66.88 6.39 12.27
C CYS A 62 66.38 5.03 12.76
N VAL A 63 67.25 4.25 13.40
CA VAL A 63 66.89 2.92 13.86
C VAL A 63 66.06 3.06 15.13
N THR A 64 64.82 2.58 15.09
CA THR A 64 63.74 2.96 15.99
C THR A 64 64.07 2.80 17.49
N ASN A 65 64.71 1.68 17.89
CA ASN A 65 65.27 1.61 19.24
C ASN A 65 66.68 1.03 19.17
N PRO A 66 67.70 1.90 18.96
CA PRO A 66 69.10 1.49 18.91
C PRO A 66 69.60 1.10 20.30
N LYS A 67 70.10 -0.15 20.41
CA LYS A 67 70.53 -0.69 21.70
C LYS A 67 72.05 -0.58 21.89
N MET A 68 72.82 -0.72 20.81
CA MET A 68 74.28 -0.68 20.89
C MET A 68 74.79 0.68 20.42
N ARG A 69 75.97 1.06 20.94
CA ARG A 69 76.51 2.40 20.81
C ARG A 69 76.79 2.76 19.35
N ILE A 70 77.00 1.75 18.50
CA ILE A 70 77.36 2.05 17.12
C ILE A 70 76.15 2.55 16.32
N GLN A 71 74.95 2.00 16.59
CA GLN A 71 73.74 2.47 15.92
C GLN A 71 73.37 3.88 16.36
N MET A 72 73.59 4.16 17.66
CA MET A 72 73.34 5.47 18.21
C MET A 72 74.29 6.49 17.57
N THR A 73 75.56 6.11 17.40
CA THR A 73 76.55 7.02 16.84
C THR A 73 76.35 7.16 15.32
N GLU A 74 76.05 6.05 14.64
CA GLU A 74 75.70 6.03 13.22
C GLU A 74 74.45 6.89 12.99
N ASN A 75 73.52 6.78 13.94
CA ASN A 75 72.30 7.56 13.94
C ASN A 75 72.64 9.05 13.91
N LEU A 76 73.60 9.46 14.73
CA LEU A 76 73.90 10.87 14.90
C LEU A 76 74.77 11.39 13.77
N ASP A 77 75.49 10.52 13.05
CA ASP A 77 76.20 10.96 11.85
C ASP A 77 75.21 11.47 10.81
N LYS A 78 74.15 10.70 10.54
CA LYS A 78 73.19 11.04 9.49
C LYS A 78 72.28 12.19 9.94
N ALA A 79 71.81 12.09 11.19
CA ALA A 79 70.89 13.09 11.72
C ALA A 79 71.58 14.44 11.89
N LEU A 80 72.86 14.42 12.28
CA LEU A 80 73.65 15.64 12.43
C LEU A 80 73.94 16.24 11.06
N ARG A 81 74.17 15.39 10.05
CA ARG A 81 74.52 15.85 8.72
C ARG A 81 73.40 16.71 8.13
N PHE A 82 72.15 16.39 8.46
CA PHE A 82 71.01 17.20 8.04
C PHE A 82 71.10 18.60 8.66
N ILE A 83 71.35 18.67 9.97
CA ILE A 83 71.56 19.90 10.73
C ILE A 83 72.62 20.74 10.02
N GLN A 84 73.74 20.10 9.72
CA GLN A 84 74.89 20.78 9.14
C GLN A 84 74.56 21.32 7.75
N SER A 85 73.62 20.67 7.05
CA SER A 85 73.24 21.07 5.70
C SER A 85 72.70 22.50 5.67
N ARG A 86 71.73 22.79 6.54
CA ARG A 86 71.31 24.15 6.81
C ARG A 86 72.43 24.89 7.55
N ASP A 87 72.65 26.15 7.16
CA ASP A 87 73.69 26.96 7.75
C ASP A 87 73.40 27.18 9.24
N VAL A 88 73.62 26.12 10.01
CA VAL A 88 73.80 26.26 11.45
C VAL A 88 75.30 26.18 11.69
N LYS A 89 75.76 26.90 12.72
CA LYS A 89 77.14 26.98 13.16
C LYS A 89 77.56 25.64 13.75
N LEU A 90 78.49 24.92 13.12
CA LEU A 90 78.79 23.55 13.53
C LEU A 90 79.62 23.57 14.80
N THR A 91 80.70 24.35 14.78
CA THR A 91 81.61 24.55 15.91
C THR A 91 82.26 23.25 16.37
N GLY A 92 82.10 22.91 17.65
CA GLY A 92 82.89 21.87 18.31
C GLY A 92 82.38 20.45 18.12
N ILE A 93 81.05 20.28 18.10
CA ILE A 93 80.28 19.06 18.31
C ILE A 93 80.55 17.97 17.27
N GLY A 94 80.83 16.75 17.76
CA GLY A 94 80.79 15.53 16.99
C GLY A 94 79.69 14.63 17.54
N PRO A 95 79.30 13.55 16.84
CA PRO A 95 78.23 12.64 17.31
C PRO A 95 78.46 12.03 18.69
N THR A 96 79.72 11.72 19.00
CA THR A 96 80.06 11.12 20.29
C THR A 96 79.79 12.08 21.45
N ASP A 97 79.87 13.39 21.16
CA ASP A 97 79.64 14.40 22.19
C ASP A 97 78.18 14.39 22.64
N ILE A 98 77.26 13.95 21.76
CA ILE A 98 75.84 13.90 22.07
C ILE A 98 75.47 12.56 22.71
N VAL A 99 76.14 11.48 22.28
CA VAL A 99 75.92 10.17 22.86
C VAL A 99 76.36 10.16 24.33
N ASP A 100 77.55 10.73 24.58
CA ASP A 100 78.14 10.76 25.90
C ASP A 100 77.40 11.70 26.85
N GLY A 101 76.47 12.50 26.32
CA GLY A 101 75.60 13.35 27.14
C GLY A 101 76.34 14.53 27.77
N ASN A 102 77.09 15.29 26.96
CA ASN A 102 77.75 16.49 27.43
C ASN A 102 76.75 17.63 27.49
N VAL A 103 76.62 18.25 28.67
CA VAL A 103 75.57 19.23 28.94
C VAL A 103 75.73 20.50 28.09
N LEU A 105 77.61 21.30 25.53
CA LEU A 105 77.67 21.14 24.08
C LEU A 105 76.28 20.80 23.53
N THR A 106 75.52 19.98 24.26
CA THR A 106 74.17 19.62 23.86
C THR A 106 73.27 20.85 23.88
N LEU A 107 73.35 21.64 24.98
CA LEU A 107 72.59 22.88 25.07
C LEU A 107 72.99 23.83 23.94
N GLY A 108 74.28 23.82 23.58
CA GLY A 108 74.75 24.61 22.45
C GLY A 108 74.20 24.11 21.12
N LEU A 109 73.95 22.78 21.03
CA LEU A 109 73.44 22.22 19.79
C LEU A 109 71.94 22.50 19.65
N VAL A 110 71.19 22.38 20.75
CA VAL A 110 69.78 22.76 20.79
C VAL A 110 69.65 24.26 20.52
N TRP A 111 70.71 25.02 20.81
CA TRP A 111 70.68 26.46 20.63
C TRP A 111 70.75 26.84 19.15
N THR A 112 71.60 26.14 18.41
CA THR A 112 71.85 26.45 17.00
C THR A 112 70.58 26.21 16.17
N LEU A 113 69.89 25.09 16.41
CA LEU A 113 68.68 24.79 15.64
C LEU A 113 67.50 25.69 16.02
N ILE A 114 67.59 26.37 17.16
CA ILE A 114 66.60 27.38 17.49
C ILE A 114 66.82 28.63 16.61
N LEU A 115 68.08 29.04 16.46
CA LEU A 115 68.41 30.17 15.61
C LEU A 115 68.09 29.85 14.15
N ARG A 116 68.37 28.61 13.72
CA ARG A 116 68.22 28.22 12.32
C ARG A 116 66.75 28.03 11.94
N PHE A 117 65.95 27.49 12.87
CA PHE A 117 64.62 27.03 12.52
C PHE A 117 63.51 27.91 13.12
N ALA A 118 63.88 28.90 13.94
CA ALA A 118 62.88 29.78 14.54
C ALA A 118 63.04 31.24 14.09
N ILE A 119 64.29 31.69 13.90
CA ILE A 119 64.54 33.11 13.71
C ILE A 119 65.55 33.38 12.57
N SER A 120 65.83 32.39 11.71
CA SER A 120 66.88 32.54 10.70
C SER A 120 66.64 33.66 9.70
N GLU A 121 65.47 33.61 9.06
CA GLU A 121 65.09 34.52 7.99
C GLU A 121 65.09 35.97 8.48
N LEU A 122 65.09 36.16 9.81
CA LEU A 122 65.00 37.47 10.43
C LEU A 122 66.38 38.13 10.49
N SER A 123 67.35 37.53 9.79
CA SER A 123 68.61 38.18 9.42
C SER A 123 68.32 39.23 8.35
N ALA A 124 68.94 40.43 8.48
CA ALA A 124 68.47 41.60 7.75
C ALA A 124 69.57 42.62 7.44
N GLU A 125 70.42 42.30 6.46
CA GLU A 125 71.40 43.21 5.88
C GLU A 125 72.38 43.74 6.93
N GLY A 126 72.53 42.97 8.01
CA GLY A 126 73.64 43.17 8.94
C GLY A 126 73.30 42.73 10.36
N LEU A 127 72.27 41.89 10.51
CA LEU A 127 71.60 41.61 11.77
C LEU A 127 71.59 40.11 12.02
N SER A 128 72.14 39.69 13.17
CA SER A 128 72.07 38.30 13.61
C SER A 128 70.64 37.92 13.97
N ALA A 129 70.40 36.61 14.11
CA ALA A 129 69.12 36.07 14.54
C ALA A 129 68.66 36.66 15.87
N LYS A 130 69.58 36.81 16.81
CA LYS A 130 69.20 37.28 18.14
C LYS A 130 68.84 38.77 18.08
N GLN A 131 69.58 39.55 17.29
CA GLN A 131 69.41 40.99 17.25
C GLN A 131 68.10 41.38 16.57
N GLY A 132 67.84 40.78 15.40
CA GLY A 132 66.65 41.12 14.64
C GLY A 132 65.37 40.80 15.41
N LEU A 133 65.39 39.69 16.17
CA LEU A 133 64.30 39.28 17.04
C LEU A 133 64.10 40.33 18.13
N LEU A 134 65.20 40.89 18.63
CA LEU A 134 65.14 41.92 19.66
C LEU A 134 64.50 43.19 19.09
N LEU A 135 64.94 43.62 17.90
CA LEU A 135 64.34 44.77 17.25
C LEU A 135 62.87 44.51 16.94
N TRP A 136 62.54 43.27 16.57
CA TRP A 136 61.16 42.87 16.36
C TRP A 136 60.36 43.13 17.64
N CYS A 137 60.90 42.71 18.78
CA CYS A 137 60.23 42.90 20.06
C CYS A 137 60.07 44.39 20.37
N GLN A 138 61.13 45.18 20.10
CA GLN A 138 61.17 46.60 20.41
C GLN A 138 60.09 47.36 19.65
N LYS A 139 59.87 47.00 18.38
CA LYS A 139 58.80 47.54 17.54
C LYS A 139 57.42 47.30 18.16
N LYS A 140 57.14 46.09 18.64
CA LYS A 140 55.78 45.62 18.91
C LYS A 140 55.18 46.22 20.17
N CYS A 141 56.03 46.71 21.07
CA CYS A 141 55.54 47.22 22.35
C CYS A 141 55.64 48.74 22.41
N GLU A 142 55.56 49.39 21.23
CA GLU A 142 55.88 50.81 21.13
C GLU A 142 54.88 51.66 21.92
N PRO A 143 53.55 51.36 21.89
CA PRO A 143 52.58 52.17 22.62
C PRO A 143 52.70 52.07 24.15
N TYR A 144 53.45 51.05 24.62
CA TYR A 144 53.37 50.61 26.00
C TYR A 144 54.49 51.21 26.87
N PRO A 145 54.22 51.54 28.15
CA PRO A 145 55.27 52.02 29.08
C PRO A 145 56.21 50.93 29.61
N VAL A 146 56.97 50.32 28.69
CA VAL A 146 57.91 49.27 29.03
C VAL A 146 59.27 49.66 28.46
N LYS A 147 60.34 49.18 29.12
CA LYS A 147 61.70 49.46 28.73
C LYS A 147 62.41 48.15 28.38
N VAL A 148 62.79 48.06 27.10
CA VAL A 148 63.31 46.83 26.54
C VAL A 148 64.74 47.07 26.07
N GLU A 149 65.71 46.49 26.81
CA GLU A 149 67.12 46.55 26.47
C GLU A 149 67.69 45.19 26.07
N ASN A 150 67.14 44.10 26.61
CA ASN A 150 67.72 42.77 26.38
C ASN A 150 66.64 41.72 26.55
N PHE A 151 67.07 40.44 26.60
CA PHE A 151 66.25 39.27 26.86
C PHE A 151 66.50 38.74 28.29
N SER A 152 66.56 39.67 29.25
CA SER A 152 66.67 39.35 30.67
C SER A 152 65.91 40.34 31.55
N GLU A 153 66.58 41.48 31.83
CA GLU A 153 66.12 42.53 32.72
C GLU A 153 64.81 43.15 32.21
N SER A 154 64.71 43.34 30.89
CA SER A 154 63.54 43.97 30.29
C SER A 154 62.28 43.13 30.54
N PHE A 155 62.42 41.81 30.52
CA PHE A 155 61.30 40.89 30.58
C PHE A 155 60.91 40.57 32.04
N LYS A 156 61.73 41.01 32.99
CA LYS A 156 61.59 40.53 34.36
C LYS A 156 60.26 41.00 34.97
N ASP A 157 59.92 42.28 34.76
CA ASP A 157 58.65 42.83 35.23
C ASP A 157 57.46 42.12 34.58
N GLY A 158 57.69 41.53 33.39
CA GLY A 158 56.63 40.80 32.70
C GLY A 158 55.69 41.73 31.94
N LYS A 159 55.94 43.03 32.03
CA LYS A 159 55.12 44.04 31.35
C LYS A 159 55.31 43.94 29.84
N VAL A 160 56.46 43.41 29.39
CA VAL A 160 56.73 43.33 27.96
C VAL A 160 56.04 42.10 27.36
N PHE A 161 55.90 41.03 28.16
CA PHE A 161 55.19 39.83 27.72
C PHE A 161 53.76 40.18 27.34
N CYS A 162 53.12 41.05 28.14
CA CYS A 162 51.72 41.38 27.95
C CYS A 162 51.53 42.24 26.71
N ALA A 163 52.52 43.10 26.46
CA ALA A 163 52.50 44.11 25.41
C ALA A 163 52.56 43.47 24.02
N LEU A 164 53.18 42.29 23.93
CA LEU A 164 53.31 41.58 22.66
C LEU A 164 51.97 40.96 22.26
N ILE A 165 51.25 40.44 23.26
CA ILE A 165 50.04 39.71 22.97
C ILE A 165 48.93 40.69 22.59
N HIS A 166 48.80 41.78 23.37
CA HIS A 166 47.76 42.76 23.13
C HIS A 166 47.93 43.33 21.73
N ARG A 167 49.19 43.55 21.33
CA ARG A 167 49.51 44.20 20.06
C ARG A 167 49.04 43.36 18.88
N HIS A 168 49.09 42.03 19.05
CA HIS A 168 48.65 41.07 18.04
C HIS A 168 47.19 40.66 18.28
N ARG A 169 46.83 40.44 19.55
CA ARG A 169 45.48 40.03 19.91
C ARG A 169 45.02 40.80 21.15
N PRO A 170 44.39 41.99 20.98
CA PRO A 170 43.90 42.73 22.14
C PRO A 170 42.68 42.10 22.80
N ASP A 171 42.14 41.03 22.19
CA ASP A 171 40.82 40.48 22.52
C ASP A 171 40.83 39.75 23.87
N LEU A 172 41.92 39.05 24.15
CA LEU A 172 41.90 38.01 25.16
C LEU A 172 42.72 38.43 26.39
N LEU A 173 43.50 39.51 26.30
CA LEU A 173 44.23 40.00 27.46
C LEU A 173 44.16 41.52 27.60
N ASP A 174 43.55 41.94 28.72
CA ASP A 174 43.36 43.33 29.10
C ASP A 174 44.71 43.96 29.47
N TRP A 175 44.87 45.25 29.16
CA TRP A 175 46.07 46.03 29.45
C TRP A 175 45.95 46.82 30.76
N GLU A 176 44.75 47.36 31.04
CA GLU A 176 44.53 48.24 32.18
C GLU A 176 44.46 47.40 33.44
N THR A 177 45.56 46.72 33.75
CA THR A 177 45.56 45.57 34.66
C THR A 177 46.90 45.45 35.36
N VAL A 178 47.99 45.63 34.59
CA VAL A 178 49.34 45.33 35.02
C VAL A 178 49.81 46.37 36.03
N GLY A 179 50.40 45.89 37.13
CA GLY A 179 50.83 46.74 38.24
C GLY A 179 52.06 46.18 38.95
N GLU A 180 51.86 45.73 40.20
CA GLU A 180 52.92 45.21 41.03
C GLU A 180 52.77 43.70 41.22
N ASP A 181 51.93 43.07 40.39
CA ASP A 181 51.72 41.61 40.40
C ASP A 181 52.57 40.92 39.35
N ASP A 182 53.80 40.59 39.75
CA ASP A 182 54.73 39.78 39.00
C ASP A 182 54.05 38.47 38.62
N ARG A 183 53.37 37.85 39.59
CA ARG A 183 52.75 36.54 39.39
C ARG A 183 51.56 36.65 38.44
N ALA A 184 50.74 37.70 38.62
CA ALA A 184 49.52 37.87 37.85
C ALA A 184 49.80 38.03 36.35
N ASN A 185 50.59 39.05 35.97
CA ASN A 185 50.82 39.38 34.56
C ASN A 185 51.49 38.20 33.83
N LEU A 186 52.41 37.54 34.54
CA LEU A 186 53.12 36.39 33.99
C LEU A 186 52.13 35.25 33.75
N GLU A 187 51.33 34.91 34.78
CA GLU A 187 50.30 33.88 34.67
C GLU A 187 49.24 34.28 33.64
N LYS A 188 48.81 35.55 33.68
CA LYS A 188 47.90 36.15 32.71
C LYS A 188 48.35 35.87 31.27
N ALA A 189 49.64 36.10 31.01
CA ALA A 189 50.21 35.90 29.68
C ALA A 189 50.28 34.42 29.31
N PHE A 190 50.80 33.61 30.26
CA PHE A 190 51.12 32.22 29.97
C PHE A 190 49.83 31.42 29.74
N ASP A 191 48.77 31.72 30.51
CA ASP A 191 47.51 31.02 30.33
C ASP A 191 46.85 31.45 29.02
N VAL A 192 46.97 32.73 28.68
CA VAL A 192 46.40 33.23 27.43
C VAL A 192 47.09 32.56 26.24
N ALA A 193 48.43 32.46 26.31
CA ALA A 193 49.19 31.78 25.26
C ALA A 193 48.79 30.30 25.15
N GLU A 194 48.34 29.71 26.27
CA GLU A 194 48.11 28.27 26.39
C GLU A 194 46.74 27.86 25.81
N LYS A 195 45.72 28.70 26.02
CA LYS A 195 44.33 28.34 25.79
C LYS A 195 43.83 28.77 24.41
N GLU A 196 44.37 29.88 23.87
CA GLU A 196 43.87 30.47 22.63
C GLU A 196 44.99 30.70 21.61
N LEU A 197 46.26 30.79 22.07
CA LEU A 197 47.37 30.91 21.14
C LEU A 197 48.01 29.54 20.89
N GLY A 198 47.71 28.57 21.77
CA GLY A 198 48.22 27.21 21.67
C GLY A 198 49.69 27.06 22.10
N ILE A 199 50.26 28.07 22.80
CA ILE A 199 51.64 27.98 23.24
C ILE A 199 51.70 27.47 24.68
N PRO A 200 52.42 26.35 24.91
CA PRO A 200 52.63 25.85 26.26
C PRO A 200 53.38 26.85 27.14
N LYS A 201 53.11 26.78 28.44
CA LYS A 201 53.82 27.62 29.39
C LYS A 201 55.25 27.12 29.54
N LEU A 202 56.08 27.47 28.54
CA LEU A 202 57.50 27.12 28.51
C LEU A 202 58.23 27.71 29.73
N LEU A 203 57.70 28.81 30.27
CA LEU A 203 58.36 29.51 31.37
C LEU A 203 57.58 29.33 32.66
N ASP A 204 58.35 29.10 33.73
CA ASP A 204 57.81 28.92 35.07
C ASP A 204 57.67 30.28 35.74
N VAL A 205 56.52 30.50 36.38
CA VAL A 205 56.22 31.80 36.98
C VAL A 205 57.06 32.01 38.24
N ASP A 206 57.40 30.93 38.95
CA ASP A 206 58.17 31.04 40.18
C ASP A 206 59.63 31.36 39.88
N ASP A 207 60.16 30.79 38.79
CA ASP A 207 61.60 30.77 38.57
C ASP A 207 62.11 32.14 38.11
N ILE A 208 61.21 33.07 37.76
CA ILE A 208 61.62 34.37 37.24
C ILE A 208 61.59 35.43 38.34
N VAL A 209 60.56 35.39 39.18
CA VAL A 209 60.40 36.36 40.26
C VAL A 209 61.51 36.18 41.30
N ASN A 210 62.04 34.97 41.42
CA ASN A 210 63.03 34.68 42.46
C ASN A 210 64.42 35.15 42.05
N MET A 211 64.73 35.10 40.76
CA MET A 211 66.09 35.27 40.29
C MET A 211 66.41 36.75 40.06
N PRO A 212 67.69 37.17 40.13
CA PRO A 212 68.09 38.52 39.73
C PRO A 212 67.84 38.76 38.23
N ARG A 213 68.23 37.78 37.41
CA ARG A 213 68.00 37.83 35.98
C ARG A 213 67.47 36.48 35.51
N PRO A 214 66.47 36.46 34.61
CA PRO A 214 66.12 35.22 33.90
C PRO A 214 67.17 34.95 32.83
N ASP A 215 67.40 33.66 32.54
CA ASP A 215 68.41 33.24 31.59
C ASP A 215 68.02 33.74 30.21
N GLU A 216 68.97 34.37 29.49
CA GLU A 216 68.72 35.01 28.21
C GLU A 216 68.23 33.99 27.17
N ARG A 217 69.02 32.93 26.96
CA ARG A 217 68.70 31.84 26.04
C ARG A 217 67.30 31.25 26.29
N SER A 218 66.94 31.03 27.56
CA SER A 218 65.64 30.51 27.96
C SER A 218 64.52 31.45 27.52
N VAL A 219 64.70 32.73 27.84
CA VAL A 219 63.74 33.76 27.49
C VAL A 219 63.82 33.98 25.99
N MET A 220 65.01 33.83 25.40
CA MET A 220 65.16 33.83 23.95
C MET A 220 64.33 32.65 23.39
N THR A 221 64.43 31.49 24.06
CA THR A 221 63.67 30.34 23.65
C THR A 221 62.17 30.63 23.77
N TYR A 222 61.78 31.34 24.83
CA TYR A 222 60.35 31.63 24.97
C TYR A 222 59.96 32.59 23.85
N VAL A 223 60.96 33.19 23.21
CA VAL A 223 60.72 33.99 22.03
C VAL A 223 60.34 33.07 20.86
N ALA A 224 60.96 31.89 20.77
CA ALA A 224 60.51 30.90 19.79
C ALA A 224 59.05 30.51 20.07
N ALA A 225 58.69 30.44 21.36
CA ALA A 225 57.32 30.22 21.81
C ALA A 225 56.39 31.35 21.34
N LEU A 226 56.88 32.59 21.28
CA LEU A 226 56.08 33.69 20.74
C LEU A 226 55.70 33.39 19.30
N TYR A 227 56.66 32.95 18.49
CA TYR A 227 56.38 32.57 17.11
C TYR A 227 55.70 31.21 17.04
N LYS A 228 56.02 30.30 17.96
CA LYS A 228 55.40 28.98 17.93
C LYS A 228 53.89 29.12 18.10
N VAL A 229 53.44 30.23 18.70
CA VAL A 229 52.04 30.59 18.77
C VAL A 229 51.51 30.91 17.38
N PHE A 230 52.32 31.62 16.57
CA PHE A 230 52.01 31.87 15.17
C PHE A 230 51.96 30.54 14.40
N SER A 231 53.02 29.74 14.61
CA SER A 231 53.30 28.47 14.00
C SER A 231 52.14 27.50 14.23
N SER A 232 51.69 27.43 15.47
CA SER A 232 50.50 26.67 15.82
C SER A 232 49.27 27.20 15.08
N ASN A 233 49.05 28.51 15.07
CA ASN A 233 47.85 29.05 14.44
C ASN A 233 47.87 28.80 12.92
N ASP A 234 49.05 28.89 12.31
CA ASP A 234 49.17 28.56 10.90
C ASP A 234 48.88 27.09 10.66
N GLN A 235 49.09 26.23 11.68
CA GLN A 235 48.68 24.83 11.60
C GLN A 235 47.22 24.66 12.04
N VAL A 236 46.68 25.68 12.74
CA VAL A 236 45.31 25.69 13.21
C VAL A 236 44.43 26.35 12.14
N GLU A 237 45.07 26.79 11.05
CA GLU A 237 44.42 27.18 9.80
C GLU A 237 43.99 25.92 9.05
N LYS A 238 44.79 24.85 9.20
CA LYS A 238 44.37 23.48 8.92
C LYS A 238 43.24 23.08 9.86
N ALA A 239 43.36 23.41 11.16
CA ALA A 239 42.27 23.19 12.10
C ALA A 239 41.05 24.04 11.71
N GLY A 240 41.28 25.19 11.08
CA GLY A 240 40.25 26.07 10.56
C GLY A 240 39.62 25.54 9.26
N LYS A 241 40.33 24.65 8.56
CA LYS A 241 39.84 23.96 7.37
C LYS A 241 38.90 22.81 7.78
N ARG A 242 39.03 22.35 9.02
CA ARG A 242 38.08 21.40 9.59
C ARG A 242 36.67 21.99 9.56
N ALA A 243 36.55 23.28 9.95
CA ALA A 243 35.29 24.01 9.93
C ALA A 243 34.67 24.08 8.53
N GLY A 244 35.48 23.82 7.49
CA GLY A 244 34.97 23.62 6.14
C GLY A 244 34.13 22.35 6.03
N ASN A 245 34.61 21.24 6.62
CA ASN A 245 33.81 20.03 6.76
C ASN A 245 32.57 20.30 7.60
N PHE A 246 32.68 21.11 8.66
CA PHE A 246 31.57 21.46 9.54
C PHE A 246 30.53 22.31 8.79
N LEU A 247 31.03 23.23 7.99
CA LEU A 247 30.22 24.03 7.07
C LEU A 247 29.45 23.17 6.05
N ASP A 248 30.14 22.19 5.44
CA ASP A 248 29.55 21.17 4.56
C ASP A 248 28.37 20.45 5.21
N LEU A 249 28.55 20.07 6.49
CA LEU A 249 27.53 19.31 7.19
C LEU A 249 26.29 20.16 7.34
N LEU A 250 26.47 21.42 7.75
CA LEU A 250 25.34 22.30 7.95
C LEU A 250 24.65 22.55 6.60
N ARG A 251 25.46 22.77 5.57
CA ARG A 251 24.90 23.06 4.26
C ARG A 251 24.14 21.85 3.73
N ALA A 252 24.63 20.62 4.00
CA ALA A 252 23.88 19.41 3.63
C ALA A 252 22.58 19.27 4.41
N THR A 253 22.63 19.54 5.73
CA THR A 253 21.46 19.52 6.60
C THR A 253 20.39 20.51 6.13
N GLU A 254 20.85 21.68 5.69
CA GLU A 254 19.95 22.65 5.13
C GLU A 254 19.24 22.12 3.90
N GLY A 255 19.98 21.41 3.04
CA GLY A 255 19.43 20.82 1.83
C GLY A 255 18.31 19.83 2.13
N MET A 256 18.44 19.10 3.24
CA MET A 256 17.52 17.98 3.41
C MET A 256 16.19 18.50 3.91
N VAL A 257 16.23 19.70 4.49
CA VAL A 257 15.00 20.37 4.83
C VAL A 257 14.27 20.82 3.56
N HIS A 258 15.01 21.09 2.48
CA HIS A 258 14.33 21.37 1.22
C HIS A 258 13.63 20.12 0.69
N ASP A 259 14.28 18.98 0.82
CA ASP A 259 13.71 17.69 0.40
C ASP A 259 12.49 17.36 1.27
N TYR A 260 12.55 17.65 2.57
CA TYR A 260 11.40 17.48 3.45
C TYR A 260 10.23 18.33 2.96
N GLU A 261 10.48 19.63 2.74
CA GLU A 261 9.40 20.57 2.47
C GLU A 261 8.71 20.30 1.12
N GLN A 262 9.49 19.90 0.12
CA GLN A 262 9.05 19.39 -1.17
C GLN A 262 8.11 18.18 -1.02
N ARG A 263 8.48 17.27 -0.12
CA ARG A 263 7.75 16.03 0.09
C ARG A 263 6.53 16.28 0.98
N ALA A 264 6.66 17.13 2.01
CA ALA A 264 5.57 17.46 2.94
C ALA A 264 4.44 18.20 2.24
N GLN A 265 4.81 19.22 1.45
CA GLN A 265 3.89 19.86 0.53
C GLN A 265 3.22 18.86 -0.41
N ALA A 266 3.96 17.97 -1.08
CA ALA A 266 3.33 16.99 -1.97
C ALA A 266 2.26 16.16 -1.23
N LEU A 267 2.58 15.73 -0.02
CA LEU A 267 1.65 14.93 0.76
C LEU A 267 0.40 15.74 1.12
N LYS A 268 0.56 16.96 1.64
CA LYS A 268 -0.58 17.84 1.89
C LYS A 268 -1.44 18.01 0.62
N GLU A 269 -0.81 18.22 -0.55
CA GLU A 269 -1.50 18.45 -1.81
C GLU A 269 -2.30 17.21 -2.22
N ASN A 270 -1.63 16.07 -2.14
CA ASN A 270 -2.19 14.86 -2.71
C ASN A 270 -3.33 14.39 -1.81
N ILE A 271 -3.24 14.69 -0.52
CA ILE A 271 -4.26 14.30 0.42
C ILE A 271 -5.54 15.11 0.23
N GLU A 272 -5.40 16.45 0.20
CA GLU A 272 -6.54 17.36 0.14
C GLU A 272 -7.39 17.02 -1.08
N ALA A 273 -6.67 16.65 -2.16
CA ALA A 273 -7.19 16.24 -3.45
C ALA A 273 -8.03 14.97 -3.33
N ALA A 274 -7.49 13.96 -2.65
CA ALA A 274 -8.17 12.69 -2.56
C ALA A 274 -9.45 12.84 -1.74
N ILE A 275 -9.35 13.55 -0.58
CA ILE A 275 -10.50 13.83 0.27
C ILE A 275 -11.63 14.43 -0.56
N ASN A 276 -11.28 15.36 -1.45
CA ASN A 276 -12.26 16.01 -2.30
C ASN A 276 -12.95 15.02 -3.25
N LYS A 277 -12.20 14.06 -3.82
CA LYS A 277 -12.77 13.07 -4.73
C LYS A 277 -13.78 12.19 -3.97
N MET A 278 -13.42 11.79 -2.77
CA MET A 278 -14.37 11.04 -1.97
C MET A 278 -15.58 11.92 -1.65
N ASN A 279 -15.34 13.16 -1.19
CA ASN A 279 -16.43 14.04 -0.82
C ASN A 279 -17.31 14.42 -2.01
N GLY A 280 -16.81 14.17 -3.23
CA GLY A 280 -17.44 14.62 -4.47
C GLY A 280 -18.38 13.59 -5.06
N VAL A 281 -18.06 12.31 -4.82
CA VAL A 281 -18.92 11.22 -5.27
C VAL A 281 -20.22 11.12 -4.45
N GLU A 282 -21.31 10.92 -5.23
CA GLU A 282 -22.71 10.78 -4.82
C GLU A 282 -23.11 9.32 -4.98
N PRO A 283 -23.67 8.68 -3.93
CA PRO A 283 -23.89 7.23 -3.98
C PRO A 283 -25.06 6.95 -4.94
N SER A 284 -24.94 5.84 -5.66
CA SER A 284 -25.80 5.45 -6.77
C SER A 284 -27.18 4.98 -6.29
N ASP A 285 -28.01 4.55 -7.25
CA ASP A 285 -29.30 3.94 -7.02
C ASP A 285 -29.33 2.53 -7.60
N GLU A 286 -28.65 2.37 -8.74
CA GLU A 286 -28.45 1.10 -9.44
C GLU A 286 -27.49 0.22 -8.63
N TYR A 287 -27.77 -1.09 -8.53
CA TYR A 287 -26.92 -2.04 -7.83
C TYR A 287 -25.54 -2.06 -8.46
N HIS A 288 -25.47 -2.39 -9.76
CA HIS A 288 -24.18 -2.53 -10.44
C HIS A 288 -23.35 -1.24 -10.30
N GLN A 289 -24.04 -0.10 -10.16
CA GLN A 289 -23.35 1.17 -9.99
C GLN A 289 -22.76 1.27 -8.60
N VAL A 290 -23.53 0.90 -7.57
CA VAL A 290 -23.06 1.01 -6.20
C VAL A 290 -21.92 -0.01 -6.01
N LYS A 291 -22.07 -1.19 -6.62
CA LYS A 291 -21.04 -2.21 -6.69
C LYS A 291 -19.71 -1.65 -7.20
N GLU A 292 -19.77 -0.86 -8.28
CA GLU A 292 -18.56 -0.27 -8.84
C GLU A 292 -18.04 0.84 -7.93
N GLN A 293 -18.97 1.63 -7.36
CA GLN A 293 -18.59 2.68 -6.42
C GLN A 293 -17.91 2.10 -5.17
N ILE A 294 -18.42 0.96 -4.69
CA ILE A 294 -17.81 0.21 -3.59
C ILE A 294 -16.44 -0.32 -4.03
N ASN A 295 -16.34 -0.69 -5.30
CA ASN A 295 -15.08 -1.23 -5.75
C ASN A 295 -14.00 -0.16 -5.87
N GLU A 296 -14.40 1.09 -6.15
CA GLU A 296 -13.43 2.17 -6.29
C GLU A 296 -12.80 2.50 -4.93
N THR A 297 -13.56 2.33 -3.83
CA THR A 297 -12.94 2.56 -2.54
C THR A 297 -11.98 1.43 -2.18
N LYS A 298 -12.21 0.24 -2.73
CA LYS A 298 -11.28 -0.86 -2.54
C LYS A 298 -9.96 -0.59 -3.27
N ASN A 299 -10.06 0.09 -4.41
CA ASN A 299 -8.89 0.45 -5.20
C ASN A 299 -8.03 1.49 -4.47
N TYR A 300 -8.65 2.38 -3.69
CA TYR A 300 -7.92 3.39 -2.94
C TYR A 300 -7.13 2.70 -1.84
N ARG A 301 -7.86 1.92 -1.05
CA ARG A 301 -7.28 1.30 0.13
C ARG A 301 -6.15 0.35 -0.24
N LYS A 302 -6.19 -0.20 -1.45
CA LYS A 302 -5.16 -1.13 -1.85
C LYS A 302 -3.87 -0.39 -2.23
N GLY A 303 -4.00 0.82 -2.79
CA GLY A 303 -2.92 1.55 -3.44
C GLY A 303 -2.52 2.86 -2.74
N ASP A 304 -3.33 3.91 -2.91
CA ASP A 304 -2.96 5.24 -2.47
C ASP A 304 -2.95 5.35 -0.94
N LYS A 305 -3.91 4.71 -0.28
CA LYS A 305 -3.96 4.72 1.18
C LYS A 305 -2.64 4.23 1.75
N ARG A 306 -2.13 3.12 1.19
CA ARG A 306 -0.84 2.54 1.50
C ARG A 306 0.23 3.63 1.47
N ALA A 307 0.23 4.37 0.36
CA ALA A 307 1.30 5.31 0.06
C ALA A 307 1.23 6.51 1.01
N PHE A 308 0.00 6.99 1.28
CA PHE A 308 -0.27 8.16 2.09
C PHE A 308 0.13 7.92 3.55
N ILE A 309 -0.09 6.69 4.04
CA ILE A 309 0.32 6.43 5.42
C ILE A 309 1.86 6.30 5.49
N LYS A 310 2.46 5.72 4.43
CA LYS A 310 3.87 5.40 4.45
C LYS A 310 4.69 6.67 4.36
N GLU A 311 4.36 7.55 3.41
CA GLU A 311 5.14 8.76 3.25
C GLU A 311 5.07 9.59 4.51
N GLN A 312 3.91 9.63 5.18
CA GLN A 312 3.78 10.41 6.40
C GLN A 312 4.77 9.92 7.46
N GLY A 313 4.86 8.63 7.63
CA GLY A 313 5.84 8.11 8.57
C GLY A 313 7.28 8.47 8.17
N ASP A 314 7.62 8.27 6.89
CA ASP A 314 8.96 8.47 6.39
C ASP A 314 9.39 9.91 6.60
N LEU A 315 8.44 10.83 6.45
CA LEU A 315 8.74 12.24 6.64
C LEU A 315 8.82 12.60 8.14
N ALA A 316 8.13 11.84 9.00
CA ALA A 316 8.34 12.01 10.43
C ALA A 316 9.77 11.62 10.81
N THR A 317 10.30 10.63 10.08
CA THR A 317 11.62 10.08 10.27
C THR A 317 12.66 11.06 9.72
N LEU A 318 12.44 11.59 8.52
CA LEU A 318 13.32 12.60 7.95
C LEU A 318 13.50 13.82 8.87
N PHE A 319 12.38 14.38 9.34
CA PHE A 319 12.35 15.53 10.24
C PHE A 319 13.20 15.27 11.47
N GLY A 320 12.96 14.12 12.13
CA GLY A 320 13.71 13.75 13.32
C GLY A 320 15.19 13.50 13.01
N GLN A 321 15.48 13.00 11.80
CA GLN A 321 16.86 12.71 11.42
C GLN A 321 17.61 14.01 11.19
N ILE A 322 16.98 14.97 10.53
CA ILE A 322 17.70 16.21 10.35
C ILE A 322 17.88 16.90 11.70
N ASN A 323 16.87 16.93 12.57
CA ASN A 323 17.05 17.58 13.85
C ASN A 323 18.03 16.82 14.75
N SER A 324 18.19 15.52 14.50
CA SER A 324 19.22 14.76 15.17
C SER A 324 20.56 15.42 14.83
N LYS A 325 20.78 15.65 13.54
CA LYS A 325 22.01 16.26 13.07
C LYS A 325 22.22 17.61 13.74
N LEU A 326 21.18 18.45 13.81
CA LEU A 326 21.34 19.81 14.31
C LEU A 326 21.70 19.80 15.78
N ARG A 327 20.90 19.01 16.53
CA ARG A 327 21.02 18.86 17.97
C ARG A 327 22.45 18.41 18.31
N GLY A 328 22.98 17.48 17.51
CA GLY A 328 24.31 16.94 17.72
C GLY A 328 25.42 17.89 17.30
N MET A 329 25.11 18.82 16.39
CA MET A 329 26.05 19.85 15.98
C MET A 329 25.88 21.13 16.81
N LYS A 330 24.99 21.09 17.83
CA LYS A 330 24.61 22.12 18.79
C LYS A 330 24.08 23.40 18.17
N ARG A 331 23.50 23.31 16.95
CA ARG A 331 22.74 24.39 16.34
C ARG A 331 21.26 24.29 16.77
N PRO A 332 20.49 25.40 16.82
CA PRO A 332 19.06 25.32 17.11
C PRO A 332 18.29 24.46 16.10
N VAL A 333 17.39 23.69 16.70
CA VAL A 333 16.46 22.75 16.09
C VAL A 333 15.74 23.44 14.93
N TYR A 334 15.43 22.64 13.91
CA TYR A 334 14.54 23.03 12.83
C TYR A 334 13.08 22.95 13.28
N VAL A 335 12.30 23.99 13.01
CA VAL A 335 10.87 23.88 13.15
C VAL A 335 10.30 23.99 11.75
N ALA A 336 9.26 23.21 11.46
CA ALA A 336 8.67 23.28 10.14
C ALA A 336 7.63 24.41 10.06
N PRO A 337 7.48 24.99 8.83
CA PRO A 337 6.41 25.93 8.46
C PRO A 337 4.99 25.49 8.82
N GLU A 338 4.14 26.40 9.32
CA GLU A 338 2.91 26.03 9.99
C GLU A 338 2.07 25.07 9.14
N GLY A 339 1.66 23.96 9.75
CA GLY A 339 0.84 22.94 9.11
C GLY A 339 1.64 22.01 8.19
N LEU A 340 2.94 21.92 8.36
CA LEU A 340 3.68 20.95 7.56
C LEU A 340 4.69 20.21 8.45
N ASP A 341 4.68 20.52 9.75
CA ASP A 341 5.40 19.73 10.75
C ASP A 341 4.83 18.33 10.78
N PRO A 342 5.58 17.31 11.24
CA PRO A 342 5.06 15.95 11.23
C PRO A 342 3.69 15.73 11.87
N LYS A 343 3.38 16.32 13.06
CA LYS A 343 2.11 16.13 13.75
C LYS A 343 0.91 16.71 13.01
N SER A 344 1.08 17.85 12.32
CA SER A 344 0.08 18.29 11.38
C SER A 344 -0.06 17.33 10.17
N LEU A 345 1.03 16.75 9.64
CA LEU A 345 1.01 15.70 8.61
C LEU A 345 0.23 14.45 9.05
N GLU A 346 0.38 14.07 10.32
CA GLU A 346 -0.36 12.99 10.94
C GLU A 346 -1.85 13.30 10.93
N GLY A 347 -2.20 14.56 11.17
CA GLY A 347 -3.59 15.05 11.17
C GLY A 347 -4.31 14.93 9.82
N TYR A 348 -3.62 15.27 8.72
CA TYR A 348 -4.15 15.09 7.38
C TYR A 348 -4.41 13.62 7.10
N ILE A 349 -3.56 12.75 7.66
CA ILE A 349 -3.82 11.32 7.61
C ILE A 349 -5.13 11.01 8.32
N ALA A 350 -5.28 11.52 9.55
CA ALA A 350 -6.54 11.40 10.27
C ALA A 350 -7.72 12.02 9.53
N ASN A 351 -7.47 13.01 8.66
CA ASN A 351 -8.56 13.63 7.92
C ASN A 351 -9.02 12.73 6.75
N ILE A 352 -8.08 12.05 6.09
CA ILE A 352 -8.50 11.21 4.99
C ILE A 352 -9.00 9.85 5.52
N SER A 353 -8.48 9.41 6.67
CA SER A 353 -8.96 8.23 7.37
C SER A 353 -10.40 8.41 7.82
N GLU A 354 -10.88 9.66 7.80
CA GLU A 354 -12.23 10.04 8.22
C GLU A 354 -13.10 10.21 6.97
N ALA A 355 -12.52 10.58 5.84
CA ALA A 355 -13.29 10.84 4.62
C ALA A 355 -13.76 9.54 4.01
N GLU A 356 -12.86 8.56 4.05
CA GLU A 356 -13.16 7.23 3.52
C GLU A 356 -14.22 6.60 4.42
N ARG A 357 -14.04 6.66 5.74
CA ARG A 357 -15.01 6.02 6.62
C ARG A 357 -16.39 6.66 6.46
N ALA A 358 -16.45 7.97 6.20
CA ALA A 358 -17.72 8.66 5.94
C ALA A 358 -18.32 8.26 4.59
N LEU A 359 -17.47 7.98 3.60
CA LEU A 359 -17.98 7.62 2.28
C LEU A 359 -18.42 6.14 2.23
N ARG A 360 -17.65 5.18 2.77
CA ARG A 360 -18.05 3.79 2.84
C ARG A 360 -19.37 3.61 3.58
N SER A 361 -19.56 4.38 4.65
CA SER A 361 -20.84 4.45 5.36
C SER A 361 -22.00 4.88 4.44
N LYS A 362 -21.83 5.97 3.69
CA LYS A 362 -22.80 6.36 2.67
C LYS A 362 -23.07 5.23 1.65
N LEU A 363 -22.02 4.50 1.26
CA LEU A 363 -22.08 3.50 0.21
C LEU A 363 -22.62 2.14 0.72
N ASN A 364 -22.36 1.82 1.99
CA ASN A 364 -22.95 0.64 2.61
C ASN A 364 -24.46 0.84 2.47
N THR A 365 -24.94 1.96 3.02
CA THR A 365 -26.36 2.21 3.08
C THR A 365 -26.97 2.26 1.69
N ALA A 366 -26.23 2.78 0.69
CA ALA A 366 -26.77 2.78 -0.68
C ALA A 366 -27.07 1.37 -1.16
N MET A 367 -26.17 0.44 -0.84
CA MET A 367 -26.35 -0.95 -1.17
C MET A 367 -27.60 -1.56 -0.53
N ARG A 368 -27.82 -1.28 0.77
CA ARG A 368 -28.95 -1.86 1.50
C ARG A 368 -30.28 -1.42 0.91
N ASN A 369 -30.41 -0.10 0.78
CA ASN A 369 -31.56 0.50 0.15
C ASN A 369 -31.72 0.01 -1.30
N CYS A 370 -30.62 -0.08 -2.04
CA CYS A 370 -30.68 -0.58 -3.40
C CYS A 370 -31.24 -2.00 -3.39
N LEU A 371 -30.77 -2.79 -2.42
CA LEU A 371 -31.17 -4.18 -2.44
C LEU A 371 -32.62 -4.37 -2.00
N ILE A 372 -33.05 -3.64 -0.96
CA ILE A 372 -34.46 -3.69 -0.59
C ILE A 372 -35.33 -3.27 -1.78
N ALA A 373 -34.88 -2.26 -2.52
CA ALA A 373 -35.66 -1.88 -3.67
C ALA A 373 -35.86 -3.12 -4.53
N LEU A 374 -34.75 -3.76 -4.92
CA LEU A 374 -34.86 -4.85 -5.86
C LEU A 374 -35.82 -5.99 -5.43
N ARG A 375 -35.82 -6.33 -4.13
CA ARG A 375 -36.72 -7.33 -3.59
C ARG A 375 -38.15 -6.81 -3.63
N LYS A 376 -38.35 -5.52 -3.32
CA LYS A 376 -39.71 -5.01 -3.33
C LYS A 376 -40.27 -4.86 -4.75
N ALA A 377 -39.36 -4.60 -5.69
CA ALA A 377 -39.58 -4.60 -7.14
C ALA A 377 -40.37 -5.81 -7.60
N PHE A 378 -40.02 -6.94 -7.01
CA PHE A 378 -40.60 -8.22 -7.36
C PHE A 378 -41.68 -8.62 -6.35
N ALA A 379 -41.45 -8.40 -5.07
CA ALA A 379 -42.38 -8.99 -4.11
C ALA A 379 -43.74 -8.31 -4.16
N ASP A 380 -43.78 -6.97 -4.19
CA ASP A 380 -45.04 -6.24 -4.08
C ASP A 380 -45.99 -6.57 -5.24
N PRO A 381 -45.58 -6.51 -6.53
CA PRO A 381 -46.47 -6.92 -7.61
C PRO A 381 -46.76 -8.42 -7.68
N ALA A 382 -45.79 -9.24 -7.29
CA ALA A 382 -45.99 -10.69 -7.27
C ALA A 382 -47.09 -11.05 -6.27
N ASN A 383 -47.12 -10.34 -5.13
CA ASN A 383 -48.12 -10.59 -4.11
C ASN A 383 -49.49 -10.13 -4.57
N ALA A 384 -49.54 -8.90 -5.12
CA ALA A 384 -50.78 -8.37 -5.67
C ALA A 384 -51.37 -9.21 -6.82
N THR A 385 -50.45 -9.72 -7.67
CA THR A 385 -50.86 -10.49 -8.82
C THR A 385 -51.25 -11.92 -8.43
N ASP A 386 -50.53 -12.52 -7.49
CA ASP A 386 -50.94 -13.82 -7.01
C ASP A 386 -52.35 -13.74 -6.40
N ALA A 387 -52.64 -12.63 -5.70
CA ALA A 387 -53.94 -12.42 -5.10
C ALA A 387 -55.04 -12.42 -6.17
N LYS A 388 -54.80 -11.70 -7.27
CA LYS A 388 -55.85 -11.60 -8.27
C LYS A 388 -56.14 -12.98 -8.89
N ILE A 389 -55.09 -13.62 -9.40
CA ILE A 389 -55.24 -14.86 -10.13
C ILE A 389 -55.90 -15.90 -9.21
N ASN A 390 -55.82 -15.72 -7.89
CA ASN A 390 -56.38 -16.67 -6.93
C ASN A 390 -57.82 -16.32 -6.61
N GLU A 391 -58.18 -15.04 -6.67
CA GLU A 391 -59.58 -14.72 -6.43
C GLU A 391 -60.45 -15.31 -7.54
N TYR A 392 -60.00 -15.17 -8.79
CA TYR A 392 -60.64 -15.75 -9.96
C TYR A 392 -60.63 -17.29 -9.89
N ARG A 393 -59.59 -17.87 -9.29
CA ARG A 393 -59.50 -19.31 -9.16
C ARG A 393 -60.62 -19.82 -8.26
N THR A 394 -60.76 -19.20 -7.08
CA THR A 394 -61.79 -19.48 -6.08
C THR A 394 -63.18 -19.47 -6.72
N PHE A 395 -63.36 -18.54 -7.64
CA PHE A 395 -64.66 -18.30 -8.25
C PHE A 395 -65.06 -19.46 -9.18
N VAL A 396 -64.17 -19.86 -10.10
CA VAL A 396 -64.53 -20.96 -10.98
C VAL A 396 -64.57 -22.27 -10.17
N THR A 397 -63.86 -22.32 -9.03
CA THR A 397 -63.93 -23.51 -8.19
C THR A 397 -65.28 -23.61 -7.48
N ASP A 398 -65.92 -22.46 -7.23
CA ASP A 398 -67.13 -22.47 -6.44
C ASP A 398 -68.24 -23.09 -7.28
N GLU A 399 -68.50 -24.37 -6.97
CA GLU A 399 -69.48 -25.27 -7.57
C GLU A 399 -70.85 -24.60 -7.69
N THR A 400 -71.21 -23.78 -6.70
CA THR A 400 -72.59 -23.42 -6.44
C THR A 400 -72.99 -22.13 -7.15
N SER A 401 -73.88 -22.28 -8.15
CA SER A 401 -74.74 -21.20 -8.63
C SER A 401 -76.05 -21.80 -9.12
N GLU A 402 -77.18 -21.19 -8.72
CA GLU A 402 -78.51 -21.75 -8.91
C GLU A 402 -79.18 -21.10 -10.13
N ALA A 403 -78.52 -20.08 -10.69
CA ALA A 403 -79.06 -19.31 -11.80
C ALA A 403 -78.98 -20.09 -13.10
N PRO A 404 -79.96 -19.85 -14.02
CA PRO A 404 -80.01 -20.43 -15.37
C PRO A 404 -78.68 -20.65 -16.07
N LEU A 405 -78.61 -21.77 -16.79
CA LEU A 405 -77.36 -22.20 -17.37
C LEU A 405 -76.85 -21.20 -18.42
N GLU A 406 -77.77 -20.58 -19.18
CA GLU A 406 -77.39 -19.61 -20.20
C GLU A 406 -76.86 -18.32 -19.56
N GLU A 407 -77.33 -18.00 -18.34
CA GLU A 407 -76.84 -16.87 -17.56
C GLU A 407 -75.43 -17.18 -17.05
N GLN A 408 -75.21 -18.43 -16.64
CA GLN A 408 -73.91 -18.85 -16.11
C GLN A 408 -72.80 -18.58 -17.13
N VAL A 409 -73.03 -18.91 -18.41
CA VAL A 409 -71.94 -18.75 -19.36
C VAL A 409 -71.71 -17.27 -19.68
N ALA A 410 -72.75 -16.45 -19.67
CA ALA A 410 -72.45 -15.04 -19.88
C ALA A 410 -71.49 -14.55 -18.80
N THR A 411 -71.87 -14.82 -17.56
CA THR A 411 -71.14 -14.36 -16.39
C THR A 411 -69.74 -14.97 -16.38
N LEU A 412 -69.66 -16.23 -16.81
CA LEU A 412 -68.38 -16.92 -16.82
C LEU A 412 -67.40 -16.29 -17.81
N LYS A 413 -67.89 -16.02 -19.03
CA LYS A 413 -67.10 -15.47 -20.11
C LYS A 413 -66.68 -14.05 -19.78
N ALA A 414 -67.44 -13.41 -18.87
CA ALA A 414 -67.13 -12.08 -18.38
C ALA A 414 -65.80 -12.10 -17.64
N LYS A 415 -65.77 -12.98 -16.63
CA LYS A 415 -64.72 -13.07 -15.67
C LYS A 415 -63.43 -13.51 -16.34
N LEU A 416 -63.56 -14.33 -17.38
CA LEU A 416 -62.40 -14.88 -18.05
C LEU A 416 -61.70 -13.78 -18.83
N GLU A 417 -62.49 -12.93 -19.51
CA GLU A 417 -62.02 -11.78 -20.26
C GLU A 417 -61.19 -10.84 -19.38
N GLU A 418 -61.71 -10.60 -18.16
CA GLU A 418 -61.07 -9.82 -17.12
C GLU A 418 -59.76 -10.43 -16.63
N LEU A 419 -59.79 -11.72 -16.31
CA LEU A 419 -58.62 -12.46 -15.86
C LEU A 419 -57.54 -12.53 -16.95
N LYS A 420 -58.00 -12.67 -18.20
CA LYS A 420 -57.11 -12.69 -19.35
C LYS A 420 -56.31 -11.39 -19.43
N GLN A 421 -56.85 -10.31 -18.83
CA GLN A 421 -56.22 -9.00 -18.87
C GLN A 421 -54.97 -8.96 -18.00
N VAL A 422 -54.96 -9.73 -16.93
CA VAL A 422 -53.83 -9.77 -16.03
C VAL A 422 -52.60 -10.36 -16.73
N GLU A 423 -52.81 -11.23 -17.71
CA GLU A 423 -51.79 -11.88 -18.52
C GLU A 423 -50.66 -10.89 -18.80
N ALA A 424 -51.02 -9.62 -19.02
CA ALA A 424 -50.15 -8.59 -19.55
C ALA A 424 -49.09 -8.18 -18.55
N GLN A 425 -49.53 -8.13 -17.29
CA GLN A 425 -48.76 -7.63 -16.16
C GLN A 425 -47.78 -8.69 -15.68
N LEU A 426 -47.77 -9.85 -16.34
CA LEU A 426 -46.89 -10.90 -15.86
C LEU A 426 -45.44 -10.65 -16.27
N PRO A 427 -45.14 -10.41 -17.56
CA PRO A 427 -43.74 -10.31 -18.00
C PRO A 427 -42.89 -9.22 -17.34
N PRO A 428 -43.46 -8.05 -16.94
CA PRO A 428 -42.80 -7.18 -15.97
C PRO A 428 -42.42 -7.83 -14.64
N ILE A 429 -43.27 -8.75 -14.15
CA ILE A 429 -42.90 -9.46 -12.93
C ILE A 429 -41.76 -10.43 -13.17
N GLU A 430 -41.68 -11.01 -14.36
CA GLU A 430 -40.60 -11.94 -14.67
C GLU A 430 -39.25 -11.22 -14.70
N GLU A 431 -39.21 -10.03 -15.32
CA GLU A 431 -38.06 -9.13 -15.33
C GLU A 431 -37.51 -8.94 -13.92
N ALA A 432 -38.42 -8.65 -12.97
CA ALA A 432 -38.02 -8.15 -11.66
C ALA A 432 -37.44 -9.28 -10.84
N GLU A 433 -37.91 -10.50 -11.11
CA GLU A 433 -37.31 -11.69 -10.52
C GLU A 433 -35.93 -11.94 -11.15
N LYS A 434 -35.83 -11.83 -12.47
CA LYS A 434 -34.57 -12.06 -13.15
C LYS A 434 -33.56 -11.01 -12.66
N ALA A 435 -34.02 -9.77 -12.50
CA ALA A 435 -33.17 -8.68 -12.03
C ALA A 435 -32.61 -8.96 -10.64
N CYS A 436 -33.37 -9.71 -9.82
CA CYS A 436 -32.86 -10.09 -8.51
C CYS A 436 -31.78 -11.17 -8.63
N GLY A 437 -31.81 -11.95 -9.70
CA GLY A 437 -30.79 -12.98 -9.90
C GLY A 437 -29.47 -12.38 -10.39
N ASP A 438 -29.55 -11.34 -11.24
CA ASP A 438 -28.40 -10.57 -11.68
C ASP A 438 -27.81 -9.77 -10.52
N ALA A 439 -28.64 -9.45 -9.52
CA ALA A 439 -28.19 -8.80 -8.29
C ALA A 439 -27.87 -9.81 -7.19
N ASN A 440 -27.71 -11.08 -7.56
CA ASN A 440 -27.28 -12.20 -6.72
C ASN A 440 -28.01 -12.19 -5.39
N ILE A 441 -29.28 -11.77 -5.39
CA ILE A 441 -30.11 -11.90 -4.19
C ILE A 441 -30.65 -13.32 -4.13
N GLU A 442 -30.68 -13.83 -2.89
CA GLU A 442 -30.86 -15.25 -2.66
C GLU A 442 -31.87 -15.47 -1.54
N ASP A 443 -32.35 -14.43 -0.85
CA ASP A 443 -33.52 -14.53 0.01
C ASP A 443 -34.47 -13.36 -0.25
N ASN A 444 -35.76 -13.55 0.04
CA ASN A 444 -36.67 -12.42 -0.10
C ASN A 444 -37.67 -12.40 1.05
N GLU A 445 -37.41 -11.63 2.09
CA GLU A 445 -38.33 -11.58 3.22
C GLU A 445 -39.73 -11.14 2.79
N TYR A 446 -39.90 -10.65 1.56
CA TYR A 446 -41.09 -9.91 1.20
C TYR A 446 -42.19 -10.81 0.65
N THR A 447 -41.79 -11.89 0.00
CA THR A 447 -42.73 -12.77 -0.69
C THR A 447 -42.18 -14.18 -0.69
N ASP A 448 -43.11 -15.14 -0.48
CA ASP A 448 -42.80 -16.56 -0.59
C ASP A 448 -43.16 -17.11 -1.98
N VAL A 449 -43.76 -16.24 -2.81
CA VAL A 449 -44.16 -16.54 -4.18
C VAL A 449 -42.95 -16.60 -5.12
N SER A 450 -43.17 -17.32 -6.19
CA SER A 450 -42.20 -17.51 -7.26
C SER A 450 -42.87 -17.05 -8.54
N PHE A 451 -42.08 -16.73 -9.57
CA PHE A 451 -42.69 -16.33 -10.82
C PHE A 451 -43.27 -17.54 -11.53
N ASP A 452 -42.58 -18.66 -11.44
CA ASP A 452 -43.09 -19.91 -12.00
C ASP A 452 -44.44 -20.27 -11.38
N ASP A 453 -44.64 -19.97 -10.09
CA ASP A 453 -45.89 -20.29 -9.43
C ASP A 453 -46.99 -19.39 -9.96
N LEU A 454 -46.60 -18.15 -10.26
CA LEU A 454 -47.51 -17.20 -10.88
C LEU A 454 -47.98 -17.67 -12.26
N GLN A 455 -47.01 -18.05 -13.10
CA GLN A 455 -47.30 -18.47 -14.45
C GLN A 455 -48.17 -19.71 -14.44
N PHE A 456 -47.82 -20.70 -13.59
CA PHE A 456 -48.60 -21.92 -13.49
C PHE A 456 -50.00 -21.63 -12.94
N ASN A 457 -50.10 -20.84 -11.85
CA ASN A 457 -51.43 -20.50 -11.36
C ASN A 457 -52.21 -19.76 -12.45
N TYR A 458 -51.54 -18.88 -13.22
CA TYR A 458 -52.29 -18.20 -14.26
C TYR A 458 -52.82 -19.20 -15.29
N GLU A 459 -51.88 -19.91 -15.95
CA GLU A 459 -52.19 -20.79 -17.06
C GLU A 459 -53.17 -21.89 -16.63
N GLN A 460 -53.12 -22.27 -15.34
CA GLN A 460 -54.02 -23.30 -14.87
C GLN A 460 -55.41 -22.71 -14.76
N THR A 461 -55.49 -21.49 -14.22
CA THR A 461 -56.81 -20.97 -13.88
C THR A 461 -57.55 -20.56 -15.14
N VAL A 462 -56.82 -20.19 -16.19
CA VAL A 462 -57.44 -19.80 -17.44
C VAL A 462 -58.04 -21.05 -18.11
N SER A 463 -57.32 -22.18 -18.02
CA SER A 463 -57.82 -23.42 -18.58
C SER A 463 -59.11 -23.87 -17.89
N MET A 464 -59.15 -23.73 -16.55
CA MET A 464 -60.35 -23.99 -15.76
C MET A 464 -61.56 -23.15 -16.16
N PHE A 465 -61.33 -21.90 -16.54
CA PHE A 465 -62.39 -21.04 -17.04
C PHE A 465 -62.87 -21.55 -18.37
N GLU A 466 -61.93 -21.67 -19.33
CA GLU A 466 -62.22 -22.14 -20.68
C GLU A 466 -62.95 -23.49 -20.65
N LYS A 467 -62.52 -24.39 -19.75
CA LYS A 467 -63.13 -25.71 -19.67
C LYS A 467 -64.58 -25.65 -19.14
N LYS A 468 -64.84 -24.75 -18.19
CA LYS A 468 -66.22 -24.64 -17.74
C LYS A 468 -67.07 -24.01 -18.82
N ILE A 469 -66.56 -22.95 -19.47
CA ILE A 469 -67.42 -22.25 -20.41
C ILE A 469 -67.76 -23.16 -21.60
N VAL A 470 -66.84 -23.96 -22.14
CA VAL A 470 -67.23 -24.85 -23.23
C VAL A 470 -68.28 -25.86 -22.75
N TYR A 471 -68.09 -26.36 -21.53
CA TYR A 471 -68.95 -27.42 -21.07
C TYR A 471 -70.36 -26.90 -20.85
N ILE A 472 -70.50 -25.69 -20.32
CA ILE A 472 -71.83 -25.13 -20.21
C ILE A 472 -72.41 -24.72 -21.57
N GLU A 473 -71.56 -24.32 -22.52
CA GLU A 473 -71.94 -24.13 -23.92
C GLU A 473 -72.46 -25.43 -24.51
N ALA A 474 -71.78 -26.52 -24.16
CA ALA A 474 -72.15 -27.82 -24.71
C ALA A 474 -73.53 -28.26 -24.20
N GLN A 475 -73.87 -27.84 -22.96
CA GLN A 475 -75.13 -28.17 -22.31
C GLN A 475 -76.27 -27.33 -22.87
N ILE A 476 -75.95 -26.19 -23.46
CA ILE A 476 -77.00 -25.41 -24.12
C ILE A 476 -77.33 -26.05 -25.46
N ASN A 477 -76.29 -26.49 -26.19
CA ASN A 477 -76.51 -27.02 -27.52
C ASN A 477 -76.72 -28.54 -27.55
N GLU A 478 -76.84 -29.19 -26.37
CA GLU A 478 -77.20 -30.60 -26.35
C GLU A 478 -78.56 -30.77 -27.04
N ALA A 479 -79.43 -29.79 -26.84
CA ALA A 479 -80.80 -29.90 -27.32
C ALA A 479 -80.84 -30.11 -28.85
N SER A 480 -80.28 -29.13 -29.54
CA SER A 480 -80.51 -28.97 -30.96
C SER A 480 -79.68 -29.97 -31.76
N SER A 481 -78.49 -30.34 -31.27
CA SER A 481 -77.65 -31.28 -32.01
C SER A 481 -77.24 -32.48 -31.16
N GLY A 482 -76.95 -33.58 -31.85
CA GLY A 482 -77.11 -34.91 -31.29
C GLY A 482 -75.97 -35.33 -30.36
N VAL A 483 -75.40 -34.36 -29.65
CA VAL A 483 -74.15 -34.60 -28.96
C VAL A 483 -74.30 -34.18 -27.52
N THR A 484 -74.16 -35.18 -26.63
CA THR A 484 -74.16 -35.01 -25.20
C THR A 484 -73.03 -34.07 -24.80
N ALA A 485 -73.31 -33.19 -23.83
CA ALA A 485 -72.39 -32.14 -23.44
C ALA A 485 -71.07 -32.77 -22.94
N GLU A 486 -71.16 -33.95 -22.31
CA GLU A 486 -70.00 -34.64 -21.78
C GLU A 486 -69.19 -35.25 -22.92
N GLN A 487 -69.81 -35.40 -24.10
CA GLN A 487 -69.10 -35.91 -25.25
C GLN A 487 -68.29 -34.79 -25.90
N MET A 488 -68.89 -33.59 -25.93
CA MET A 488 -68.23 -32.42 -26.50
C MET A 488 -66.94 -32.15 -25.72
N GLN A 489 -67.01 -32.30 -24.40
CA GLN A 489 -65.87 -32.08 -23.54
C GLN A 489 -64.73 -32.93 -24.01
N GLU A 490 -65.00 -34.23 -24.24
CA GLU A 490 -63.96 -35.19 -24.62
C GLU A 490 -63.28 -34.75 -25.92
N PHE A 491 -64.10 -34.30 -26.87
CA PHE A 491 -63.66 -33.85 -28.17
C PHE A 491 -62.74 -32.64 -28.04
N LYS A 492 -63.23 -31.64 -27.30
CA LYS A 492 -62.50 -30.40 -27.11
C LYS A 492 -61.20 -30.65 -26.34
N GLN A 493 -61.24 -31.59 -25.40
CA GLN A 493 -60.12 -31.92 -24.54
C GLN A 493 -58.98 -32.49 -25.40
N SER A 494 -59.33 -33.31 -26.40
CA SER A 494 -58.32 -33.96 -27.23
C SER A 494 -57.83 -32.98 -28.26
N PHE A 495 -58.77 -32.28 -28.89
CA PHE A 495 -58.44 -31.32 -29.92
C PHE A 495 -57.43 -30.29 -29.40
N ASP A 496 -57.80 -29.60 -28.31
CA ASP A 496 -56.94 -28.58 -27.73
C ASP A 496 -55.60 -29.20 -27.30
N ALA A 497 -55.64 -30.47 -26.89
CA ALA A 497 -54.43 -31.10 -26.41
C ALA A 497 -53.46 -31.32 -27.55
N PHE A 498 -53.98 -31.40 -28.79
CA PHE A 498 -53.20 -31.76 -29.96
C PHE A 498 -52.73 -30.55 -30.77
N ASN A 499 -53.51 -29.46 -30.72
CA ASN A 499 -53.13 -28.20 -31.34
C ASN A 499 -52.13 -27.45 -30.47
N GLY A 500 -50.86 -27.48 -30.89
CA GLY A 500 -49.69 -26.93 -30.20
C GLY A 500 -49.76 -25.45 -29.82
N GLY A 501 -50.10 -24.58 -30.77
CA GLY A 501 -50.34 -23.18 -30.44
C GLY A 501 -51.80 -22.90 -30.09
N HIS A 502 -52.18 -21.61 -30.23
CA HIS A 502 -53.57 -21.14 -30.24
C HIS A 502 -53.91 -20.65 -31.64
N ASN A 503 -53.18 -21.16 -32.65
CA ASN A 503 -53.65 -21.13 -34.03
C ASN A 503 -54.79 -22.14 -34.10
N GLY A 504 -56.00 -21.66 -34.44
CA GLY A 504 -57.23 -22.37 -34.10
C GLY A 504 -57.52 -23.58 -35.00
N ILE A 505 -56.48 -24.30 -35.41
CA ILE A 505 -56.65 -25.40 -36.34
C ILE A 505 -55.64 -26.51 -36.08
N LEU A 506 -56.01 -27.72 -36.48
CA LEU A 506 -55.13 -28.88 -36.48
C LEU A 506 -54.38 -28.98 -37.81
N ASP A 507 -53.03 -28.98 -37.73
CA ASP A 507 -52.16 -29.17 -38.87
C ASP A 507 -52.40 -30.55 -39.49
N LYS A 508 -51.92 -30.70 -40.73
CA LYS A 508 -51.68 -31.99 -41.36
C LYS A 508 -51.02 -32.91 -40.33
N LEU A 509 -49.90 -32.43 -39.76
CA LEU A 509 -49.06 -33.20 -38.85
C LEU A 509 -49.75 -33.40 -37.50
N GLU A 510 -50.43 -32.35 -37.01
CA GLU A 510 -51.10 -32.42 -35.71
C GLU A 510 -52.22 -33.47 -35.76
N PHE A 511 -52.96 -33.49 -36.88
CA PHE A 511 -54.10 -34.38 -37.02
C PHE A 511 -53.66 -35.85 -36.95
N ARG A 512 -52.52 -36.16 -37.59
CA ARG A 512 -51.99 -37.51 -37.59
C ARG A 512 -51.68 -37.95 -36.16
N SER A 513 -50.91 -37.12 -35.44
CA SER A 513 -50.57 -37.42 -34.06
C SER A 513 -51.84 -37.69 -33.26
N CYS A 514 -52.91 -36.95 -33.57
CA CYS A 514 -54.17 -37.14 -32.87
C CYS A 514 -54.78 -38.51 -33.21
N LEU A 515 -54.84 -38.86 -34.49
CA LEU A 515 -55.52 -40.08 -34.90
C LEU A 515 -54.70 -41.32 -34.55
N SER A 516 -53.37 -41.20 -34.65
CA SER A 516 -52.50 -42.29 -34.25
C SER A 516 -52.70 -42.60 -32.75
N SER A 517 -52.93 -41.56 -31.95
CA SER A 517 -53.27 -41.73 -30.54
C SER A 517 -54.56 -42.53 -30.38
N MET A 518 -55.58 -42.18 -31.18
CA MET A 518 -56.86 -42.87 -31.08
C MET A 518 -56.84 -44.24 -31.75
N GLY A 519 -55.74 -44.56 -32.45
CA GLY A 519 -55.56 -45.86 -33.07
C GLY A 519 -56.44 -46.08 -34.29
N LEU A 520 -56.83 -44.98 -34.94
CA LEU A 520 -57.72 -45.01 -36.09
C LEU A 520 -56.94 -45.36 -37.35
N ILE A 521 -55.61 -45.23 -37.25
CA ILE A 521 -54.67 -45.86 -38.15
C ILE A 521 -53.50 -46.33 -37.31
N ASP A 522 -52.92 -47.46 -37.70
CA ASP A 522 -51.74 -47.96 -37.00
C ASP A 522 -50.63 -46.90 -37.07
N ILE A 523 -50.03 -46.59 -35.90
CA ILE A 523 -49.12 -45.47 -35.70
C ILE A 523 -47.96 -45.49 -36.71
N ASP A 524 -48.18 -44.89 -37.88
CA ASP A 524 -47.20 -44.78 -38.95
C ASP A 524 -46.90 -43.31 -39.21
N PHE A 525 -47.00 -42.53 -38.13
CA PHE A 525 -47.19 -41.09 -38.19
C PHE A 525 -45.90 -40.34 -38.54
N THR A 526 -44.75 -40.77 -38.00
CA THR A 526 -43.53 -40.04 -38.25
C THR A 526 -43.07 -40.15 -39.71
N GLY A 527 -42.79 -41.38 -40.17
CA GLY A 527 -42.08 -41.60 -41.43
C GLY A 527 -42.84 -42.49 -42.44
N GLY A 528 -42.85 -42.04 -43.70
CA GLY A 528 -43.67 -42.60 -44.78
C GLY A 528 -44.65 -41.56 -45.32
N GLU A 529 -45.25 -41.84 -46.49
CA GLU A 529 -46.31 -40.98 -47.03
C GLU A 529 -47.58 -41.79 -47.23
N ASP A 530 -48.44 -41.80 -46.20
CA ASP A 530 -49.58 -42.70 -46.08
C ASP A 530 -50.66 -42.25 -47.06
N ALA A 531 -50.95 -43.12 -48.04
CA ALA A 531 -51.98 -42.90 -49.03
C ALA A 531 -53.37 -42.81 -48.38
N GLN A 532 -53.57 -43.65 -47.35
CA GLN A 532 -54.81 -43.77 -46.57
C GLN A 532 -55.11 -42.45 -45.86
N TYR A 533 -54.10 -41.98 -45.12
CA TYR A 533 -54.23 -40.78 -44.31
C TYR A 533 -54.43 -39.56 -45.22
N ASP A 534 -53.56 -39.44 -46.24
CA ASP A 534 -53.68 -38.39 -47.24
C ASP A 534 -55.11 -38.33 -47.76
N ALA A 535 -55.76 -39.49 -47.98
CA ALA A 535 -57.12 -39.55 -48.48
C ALA A 535 -58.12 -39.10 -47.42
N ILE A 536 -57.85 -39.47 -46.16
CA ILE A 536 -58.72 -39.11 -45.04
C ILE A 536 -58.67 -37.61 -44.75
N TYR A 537 -57.46 -37.03 -44.86
CA TYR A 537 -57.20 -35.63 -44.58
C TYR A 537 -57.86 -34.72 -45.62
N ASN A 538 -57.67 -35.05 -46.91
CA ASN A 538 -58.36 -34.40 -48.02
C ASN A 538 -59.86 -34.31 -47.75
N ASN A 539 -60.42 -35.43 -47.29
CA ASN A 539 -61.85 -35.59 -47.10
C ASN A 539 -62.34 -34.64 -46.02
N VAL A 540 -61.65 -34.67 -44.88
CA VAL A 540 -62.04 -33.96 -43.69
C VAL A 540 -61.92 -32.45 -43.85
N THR A 541 -60.81 -31.96 -44.41
CA THR A 541 -60.53 -30.54 -44.53
C THR A 541 -61.13 -30.00 -45.83
N LYS A 542 -62.30 -29.35 -45.71
CA LYS A 542 -63.17 -29.01 -46.82
C LYS A 542 -62.42 -28.08 -47.77
N GLY A 543 -61.95 -26.95 -47.25
CA GLY A 543 -60.94 -26.15 -47.91
C GLY A 543 -60.13 -25.35 -46.92
N GLU A 544 -60.07 -25.81 -45.66
CA GLU A 544 -59.44 -25.06 -44.58
C GLU A 544 -57.93 -25.27 -44.54
N ASN A 545 -57.42 -26.15 -45.42
CA ASN A 545 -56.03 -26.58 -45.41
C ASN A 545 -55.69 -27.15 -44.03
N GLY A 546 -56.69 -27.22 -43.16
CA GLY A 546 -56.50 -27.62 -41.76
C GLY A 546 -57.81 -28.10 -41.17
N VAL A 547 -57.73 -28.76 -40.01
CA VAL A 547 -58.91 -29.41 -39.49
C VAL A 547 -59.60 -28.45 -38.53
N SER A 548 -60.65 -27.78 -39.00
CA SER A 548 -61.50 -27.00 -38.11
C SER A 548 -62.09 -27.92 -37.04
N PHE A 549 -62.36 -27.36 -35.86
CA PHE A 549 -62.99 -28.16 -34.81
C PHE A 549 -64.37 -28.63 -35.25
N ASP A 550 -65.10 -27.77 -35.95
CA ASP A 550 -66.37 -28.17 -36.56
C ASP A 550 -66.16 -29.36 -37.48
N ASN A 551 -65.07 -29.34 -38.27
CA ASN A 551 -64.75 -30.44 -39.16
C ASN A 551 -64.26 -31.65 -38.36
N TYR A 552 -63.59 -31.40 -37.23
CA TYR A 552 -63.13 -32.48 -36.38
C TYR A 552 -64.34 -33.20 -35.77
N VAL A 553 -65.30 -32.43 -35.23
CA VAL A 553 -66.48 -33.03 -34.64
C VAL A 553 -67.31 -33.75 -35.69
N GLN A 554 -67.33 -33.24 -36.91
CA GLN A 554 -68.05 -33.92 -37.98
C GLN A 554 -67.42 -35.29 -38.25
N TYR A 555 -66.08 -35.36 -38.21
CA TYR A 555 -65.37 -36.59 -38.42
C TYR A 555 -65.71 -37.60 -37.33
N MET A 556 -65.64 -37.15 -36.08
CA MET A 556 -65.89 -37.98 -34.91
C MET A 556 -67.31 -38.51 -34.91
N LYS A 557 -68.28 -37.67 -35.30
CA LYS A 557 -69.67 -38.07 -35.37
C LYS A 557 -69.84 -39.19 -36.42
N GLU A 558 -69.09 -39.11 -37.52
CA GLU A 558 -69.14 -40.14 -38.55
C GLU A 558 -68.53 -41.45 -38.04
N LYS A 559 -67.49 -41.36 -37.19
CA LYS A 559 -66.87 -42.53 -36.61
C LYS A 559 -67.82 -43.19 -35.60
N ASN A 560 -68.57 -42.35 -34.87
CA ASN A 560 -69.56 -42.83 -33.93
C ASN A 560 -70.72 -43.49 -34.68
N ASP A 561 -71.18 -42.86 -35.77
CA ASP A 561 -72.28 -43.36 -36.58
C ASP A 561 -72.00 -44.73 -37.17
N GLU A 562 -70.72 -45.10 -37.26
CA GLU A 562 -70.34 -46.43 -37.71
C GLU A 562 -70.78 -47.52 -36.71
N ASN A 563 -71.01 -47.15 -35.44
CA ASN A 563 -71.20 -48.12 -34.36
C ASN A 563 -72.67 -48.55 -34.28
N PRO A 564 -73.00 -49.81 -33.90
CA PRO A 564 -74.40 -50.22 -33.71
C PRO A 564 -75.06 -49.81 -32.41
N SER A 565 -76.38 -49.77 -32.49
CA SER A 565 -77.28 -49.44 -31.41
C SER A 565 -77.28 -50.54 -30.35
N PRO A 566 -77.68 -50.21 -29.10
CA PRO A 566 -77.85 -51.23 -28.07
C PRO A 566 -78.80 -52.32 -28.55
N GLU A 567 -79.98 -51.91 -29.05
CA GLU A 567 -81.01 -52.83 -29.50
C GLU A 567 -80.68 -53.36 -30.89
N GLN A 568 -79.94 -52.60 -31.69
CA GLN A 568 -79.42 -53.11 -32.96
C GLN A 568 -78.37 -54.18 -32.70
N LEU A 569 -77.68 -54.08 -31.56
CA LEU A 569 -76.62 -55.04 -31.25
C LEU A 569 -77.20 -56.34 -30.69
N ASN A 570 -78.37 -56.25 -30.03
CA ASN A 570 -79.21 -57.35 -29.55
C ASN A 570 -79.56 -58.27 -30.71
N GLU A 571 -80.08 -57.67 -31.78
CA GLU A 571 -80.50 -58.38 -32.97
C GLU A 571 -79.29 -59.06 -33.62
N ILE A 572 -78.11 -58.43 -33.50
CA ILE A 572 -76.88 -58.97 -34.06
C ILE A 572 -76.53 -60.29 -33.36
N PHE A 573 -76.67 -60.29 -32.03
CA PHE A 573 -76.44 -61.48 -31.21
C PHE A 573 -77.50 -62.54 -31.46
N SER A 574 -78.77 -62.12 -31.49
CA SER A 574 -79.88 -63.02 -31.74
C SER A 574 -79.60 -63.87 -32.98
N THR A 575 -79.09 -63.21 -34.03
CA THR A 575 -78.82 -63.82 -35.33
C THR A 575 -77.73 -64.88 -35.22
N ILE A 576 -76.77 -64.68 -34.31
CA ILE A 576 -75.69 -65.63 -34.11
C ILE A 576 -76.23 -66.88 -33.40
N ALA A 577 -77.14 -66.68 -32.44
CA ALA A 577 -77.64 -67.77 -31.62
C ALA A 577 -78.91 -68.40 -32.22
N ALA A 578 -79.37 -67.86 -33.36
CA ALA A 578 -80.63 -68.21 -34.03
C ALA A 578 -81.83 -68.05 -33.08
N GLY A 579 -81.71 -67.05 -32.20
CA GLY A 579 -82.83 -66.61 -31.40
C GLY A 579 -82.74 -67.09 -29.96
N LYS A 580 -81.66 -67.81 -29.62
CA LYS A 580 -81.40 -68.24 -28.25
C LYS A 580 -80.83 -67.08 -27.42
N ASP A 581 -81.32 -66.92 -26.18
CA ASP A 581 -80.94 -65.79 -25.32
C ASP A 581 -79.54 -66.01 -24.76
N SER A 582 -79.25 -67.27 -24.39
CA SER A 582 -77.90 -67.69 -24.03
C SER A 582 -77.23 -68.27 -25.27
N ILE A 583 -76.02 -67.79 -25.52
CA ILE A 583 -75.23 -68.02 -26.70
C ILE A 583 -74.19 -69.08 -26.37
N THR A 584 -74.30 -70.21 -27.07
CA THR A 584 -73.38 -71.29 -26.87
C THR A 584 -72.11 -71.01 -27.66
N GLU A 585 -70.99 -71.55 -27.20
CA GLU A 585 -69.71 -71.37 -27.86
C GLU A 585 -69.82 -71.84 -29.31
N THR A 586 -70.55 -72.95 -29.48
CA THR A 586 -70.70 -73.78 -30.68
C THR A 586 -71.31 -73.04 -31.88
N ASP A 587 -72.56 -72.55 -31.76
CA ASP A 587 -73.21 -71.79 -32.82
C ASP A 587 -72.40 -70.54 -33.14
N MET A 588 -71.88 -69.89 -32.09
CA MET A 588 -71.01 -68.74 -32.23
C MET A 588 -69.77 -69.11 -33.05
N GLN A 589 -69.12 -70.21 -32.67
CA GLN A 589 -67.95 -70.74 -33.35
C GLN A 589 -68.25 -70.93 -34.84
N LYS A 590 -69.43 -71.48 -35.11
CA LYS A 590 -69.92 -71.70 -36.47
C LYS A 590 -69.96 -70.38 -37.25
N ALA A 591 -70.23 -69.28 -36.55
CA ALA A 591 -70.14 -67.93 -37.05
C ALA A 591 -68.68 -67.52 -37.34
N GLY A 592 -67.71 -68.20 -36.70
CA GLY A 592 -66.32 -68.18 -37.14
C GLY A 592 -65.46 -67.03 -36.58
N MET A 593 -65.82 -66.47 -35.42
CA MET A 593 -65.04 -65.43 -34.75
C MET A 593 -63.68 -66.00 -34.33
N SER A 594 -62.63 -65.15 -34.33
CA SER A 594 -61.31 -65.58 -33.85
C SER A 594 -61.43 -65.97 -32.38
N ALA A 595 -60.77 -67.07 -31.97
CA ALA A 595 -60.82 -67.59 -30.60
C ALA A 595 -60.66 -66.48 -29.57
N GLU A 596 -59.89 -65.44 -29.94
CA GLU A 596 -59.63 -64.25 -29.14
C GLU A 596 -60.95 -63.55 -28.82
N GLN A 597 -61.77 -63.41 -29.87
CA GLN A 597 -63.10 -62.83 -29.78
C GLN A 597 -63.94 -63.64 -28.78
N ILE A 598 -63.95 -64.97 -28.96
CA ILE A 598 -64.77 -65.86 -28.18
C ILE A 598 -64.37 -65.77 -26.70
N GLU A 599 -63.07 -65.94 -26.44
CA GLU A 599 -62.56 -65.90 -25.08
C GLU A 599 -62.93 -64.58 -24.40
N TYR A 600 -63.00 -63.51 -25.20
CA TYR A 600 -63.35 -62.20 -24.66
C TYR A 600 -64.80 -62.19 -24.15
N VAL A 601 -65.71 -62.82 -24.90
CA VAL A 601 -67.10 -62.94 -24.52
C VAL A 601 -67.18 -63.73 -23.23
N LYS A 602 -66.55 -64.91 -23.24
CA LYS A 602 -66.56 -65.85 -22.13
C LYS A 602 -66.13 -65.15 -20.85
N ALA A 603 -65.15 -64.26 -20.97
CA ALA A 603 -64.57 -63.58 -19.82
C ALA A 603 -65.37 -62.34 -19.44
N ASN A 604 -66.35 -61.96 -20.27
CA ASN A 604 -67.01 -60.68 -20.01
C ASN A 604 -68.43 -60.83 -19.48
N LEU A 605 -69.24 -61.68 -20.12
CA LEU A 605 -70.66 -61.69 -19.79
C LEU A 605 -71.03 -62.94 -19.01
N PRO A 606 -72.11 -62.87 -18.21
CA PRO A 606 -72.41 -63.92 -17.25
C PRO A 606 -72.93 -65.19 -17.89
N GLN A 607 -72.50 -66.32 -17.31
CA GLN A 607 -72.93 -67.62 -17.81
C GLN A 607 -74.34 -67.88 -17.33
N LYS A 608 -75.21 -68.26 -18.27
CA LYS A 608 -76.59 -68.58 -17.93
C LYS A 608 -76.99 -69.93 -18.53
N GLY A 609 -76.51 -71.00 -17.87
CA GLY A 609 -76.78 -72.37 -18.25
C GLY A 609 -75.83 -72.87 -19.34
N ASP A 610 -76.44 -73.28 -20.47
CA ASP A 610 -75.85 -73.84 -21.67
C ASP A 610 -74.96 -72.82 -22.38
N GLY A 611 -75.36 -71.55 -22.35
CA GLY A 611 -74.63 -70.46 -22.99
C GLY A 611 -74.43 -69.28 -22.05
N TYR A 612 -74.20 -68.10 -22.64
CA TYR A 612 -73.88 -66.90 -21.90
C TYR A 612 -74.91 -65.81 -22.25
N ASP A 613 -75.26 -64.99 -21.26
CA ASP A 613 -76.36 -64.05 -21.39
C ASP A 613 -75.90 -62.76 -22.07
N TYR A 614 -76.80 -62.10 -22.82
CA TYR A 614 -76.55 -60.73 -23.29
C TYR A 614 -77.68 -59.76 -22.87
N ALA A 615 -78.57 -60.21 -21.99
CA ALA A 615 -79.57 -59.33 -21.38
C ALA A 615 -78.90 -58.27 -20.49
N ALA A 616 -77.70 -58.60 -19.97
CA ALA A 616 -76.85 -57.66 -19.23
C ALA A 616 -76.38 -56.52 -20.13
N TRP A 617 -75.99 -56.87 -21.37
CA TRP A 617 -75.50 -55.94 -22.39
C TRP A 617 -76.60 -55.09 -23.01
N VAL A 618 -77.87 -55.44 -22.79
CA VAL A 618 -78.92 -54.53 -23.22
C VAL A 618 -78.87 -53.30 -22.30
N LYS A 619 -78.48 -53.51 -21.03
CA LYS A 619 -78.17 -52.41 -20.12
C LYS A 619 -76.81 -51.79 -20.50
#